data_9CIH
#
_entry.id   9CIH
#
_cell.length_a   98.470
_cell.length_b   98.470
_cell.length_c   81.900
_cell.angle_alpha   90.00
_cell.angle_beta   90.00
_cell.angle_gamma   120.00
#
_symmetry.space_group_name_H-M   'P 61'
#
loop_
_entity.id
_entity.type
_entity.pdbx_description
1 polymer 'DNA polymerase eta'
2 polymer "DNA (5'-D(*CP*AP*TP*GP*(A1A0L)P*TP*GP*AP*CP*GP*CP*T)-3')"
3 polymer "DNA (5'-D(*AP*GP*CP*GP*TP*CP*AP*A)-3')"
4 non-polymer GLYCEROL
5 non-polymer "2'-deoxy-5'-O-[(R)-hydroxy{[(R)-hydroxy(phosphonooxy)phosphoryl]amino}phosphoryl]cytidine"
6 non-polymer 'MAGNESIUM ION'
7 water water
#
loop_
_entity_poly.entity_id
_entity_poly.type
_entity_poly.pdbx_seq_one_letter_code
_entity_poly.pdbx_strand_id
1 'polypeptide(L)'
;GPHMATGQDRVVALVDMDCFFVQVEQRQNPHLRNKPCAVVQYKSWKGGGIIAVSYEARAFGVTRSMWADDAKKLCPDLLL
AQVRESRGKANLTKYREASVEVMEIMSRFAVIERASIDEAYVDLTSAVQERLQKLQGQPISADLLPSTYIEGLPQGPTTA
EETVQKEGMRKQGLFQWLDSLQIDNLTSPDLQLTVGAVIVEEMRAAIERETGFQCSAGISHNKVLAKLACGLNKPNRQTL
VSHGSVPQLFSQMPIRKIRSLGGKLGASVIEILGIEYMGELTQFTESQLQSHFGEKNGSWLYAMCRGIEHDPVKPRQLPK
TIGCSKNFPGKTALATREQVQWWLLQLAQELEERLTKDRNDNDRVATQLVVSIRVQGDKRLSSLRRCCALTRYDAHKMSH
DAFTVIKNCNTSGIQTEWSPPLTMLFLCATKFSAS
;
A
2 'polydeoxyribonucleotide' (DC)(DA)(DT)(DG)(A1A0L)(DT)(DG)(DA)(DC)(DG)(DC)(DT) T
3 'polydeoxyribonucleotide' (DA)(DG)(DC)(DG)(DT)(DC)(DA)(DA) P
#
loop_
_chem_comp.id
_chem_comp.type
_chem_comp.name
_chem_comp.formula
0KX non-polymer 2'-deoxy-5'-O-[(R)-hydroxy{[(R)-hydroxy(phosphonooxy)phosphoryl]amino}phosphoryl]cytidine 'C9 H17 N4 O12 P3'
A1A0L DNA linking 1-{(2R,3R,4S)-3-hydroxy-4-[(trihydroxy-lambda~5~-phosphanyl)oxy]oxolan-2-yl}-4-methoxy-5-methylpyrimidin-2(1H)-one 'C10 H15 N2 O8 P'
DA DNA linking 2'-DEOXYADENOSINE-5'-MONOPHOSPHATE 'C10 H14 N5 O6 P'
DC DNA linking 2'-DEOXYCYTIDINE-5'-MONOPHOSPHATE 'C9 H14 N3 O7 P'
DG DNA linking 2'-DEOXYGUANOSINE-5'-MONOPHOSPHATE 'C10 H14 N5 O7 P'
DT DNA linking THYMIDINE-5'-MONOPHOSPHATE 'C10 H15 N2 O8 P'
GOL non-polymer GLYCEROL 'C3 H8 O3'
MG non-polymer 'MAGNESIUM ION' 'Mg 2'
#
# COMPACT_ATOMS: atom_id res chain seq x y z
N ALA A 5 0.70 21.97 -21.92
CA ALA A 5 0.38 21.62 -20.54
C ALA A 5 1.19 20.41 -20.08
N THR A 6 1.91 20.60 -18.98
CA THR A 6 2.95 19.66 -18.56
C THR A 6 2.63 18.91 -17.28
N GLY A 7 1.47 19.14 -16.66
CA GLY A 7 1.12 18.44 -15.44
C GLY A 7 2.14 18.66 -14.35
N GLN A 8 2.46 19.92 -14.08
CA GLN A 8 3.45 20.29 -13.09
C GLN A 8 2.86 21.22 -12.03
N ASP A 9 1.54 21.21 -11.90
CA ASP A 9 0.84 22.10 -10.98
C ASP A 9 0.98 21.67 -9.52
N ARG A 10 1.06 20.38 -9.24
CA ARG A 10 1.02 19.87 -7.88
C ARG A 10 2.38 19.34 -7.44
N VAL A 11 2.57 19.28 -6.11
CA VAL A 11 3.65 18.51 -5.51
C VAL A 11 2.99 17.42 -4.68
N VAL A 12 3.23 16.17 -5.05
CA VAL A 12 2.63 15.00 -4.42
C VAL A 12 3.75 14.09 -3.92
N ALA A 13 3.56 13.49 -2.74
CA ALA A 13 4.52 12.55 -2.18
C ALA A 13 3.81 11.26 -1.80
N LEU A 14 4.54 10.15 -1.91
CA LEU A 14 4.08 8.85 -1.44
C LEU A 14 5.09 8.37 -0.41
N VAL A 15 4.64 8.23 0.83
CA VAL A 15 5.47 7.73 1.92
C VAL A 15 5.09 6.27 2.17
N ASP A 16 6.09 5.37 2.15
CA ASP A 16 5.85 3.94 2.39
C ASP A 16 6.83 3.39 3.41
N MET A 17 6.30 2.80 4.49
CA MET A 17 7.14 2.24 5.53
C MET A 17 7.97 1.06 4.98
N ASP A 18 9.24 1.00 5.39
CA ASP A 18 10.08 -0.13 4.99
C ASP A 18 9.73 -1.38 5.81
N CYS A 19 9.65 -2.54 5.12
CA CYS A 19 9.26 -3.83 5.71
C CYS A 19 8.40 -3.66 6.95
N PHE A 20 7.18 -3.13 6.79
CA PHE A 20 6.44 -2.54 7.91
C PHE A 20 6.22 -3.52 9.05
N PHE A 21 5.57 -4.65 8.77
CA PHE A 21 5.24 -5.57 9.88
C PHE A 21 6.51 -6.04 10.59
N VAL A 22 7.60 -6.20 9.85
CA VAL A 22 8.87 -6.55 10.48
C VAL A 22 9.31 -5.47 11.46
N GLN A 23 9.34 -4.21 11.02
CA GLN A 23 9.72 -3.11 11.92
C GLN A 23 8.81 -3.06 13.16
N VAL A 24 7.50 -3.32 13.00
CA VAL A 24 6.61 -3.33 14.16
C VAL A 24 7.07 -4.40 15.16
N GLU A 25 7.39 -5.60 14.66
CA GLU A 25 7.85 -6.66 15.55
C GLU A 25 9.26 -6.39 16.08
N GLN A 26 10.11 -5.74 15.28
CA GLN A 26 11.47 -5.45 15.74
C GLN A 26 11.48 -4.36 16.82
N ARG A 27 10.56 -3.40 16.76
CA ARG A 27 10.47 -2.42 17.85
C ARG A 27 10.12 -3.12 19.16
N GLN A 28 9.13 -4.00 19.11
CA GLN A 28 8.67 -4.72 20.29
C GLN A 28 9.70 -5.72 20.80
N ASN A 29 10.41 -6.40 19.90
CA ASN A 29 11.37 -7.42 20.31
C ASN A 29 12.75 -7.01 19.83
N PRO A 30 13.50 -6.25 20.64
CA PRO A 30 14.84 -5.79 20.24
C PRO A 30 15.77 -6.90 19.75
N HIS A 31 15.57 -8.15 20.17
CA HIS A 31 16.45 -9.22 19.71
C HIS A 31 16.30 -9.53 18.23
N LEU A 32 15.32 -8.96 17.54
CA LEU A 32 15.16 -9.18 16.11
C LEU A 32 15.84 -8.09 15.27
N ARG A 33 16.24 -6.98 15.90
CA ARG A 33 16.76 -5.83 15.17
C ARG A 33 18.11 -6.15 14.55
N ASN A 34 18.31 -5.68 13.31
CA ASN A 34 19.55 -5.88 12.56
C ASN A 34 19.86 -7.36 12.40
N LYS A 35 18.87 -8.10 11.89
CA LYS A 35 18.97 -9.54 11.70
C LYS A 35 18.11 -9.90 10.52
N PRO A 36 18.44 -10.98 9.79
CA PRO A 36 17.49 -11.51 8.82
C PRO A 36 16.28 -12.00 9.59
N CYS A 37 15.14 -11.37 9.34
CA CYS A 37 13.94 -11.78 10.02
CA CYS A 37 13.91 -11.60 10.09
C CYS A 37 12.73 -11.52 9.14
N ALA A 38 11.67 -12.26 9.43
CA ALA A 38 10.42 -12.22 8.68
C ALA A 38 9.26 -12.37 9.65
N VAL A 39 8.07 -11.97 9.20
CA VAL A 39 6.83 -12.12 9.97
C VAL A 39 6.01 -13.24 9.34
N VAL A 40 5.49 -14.15 10.16
CA VAL A 40 4.83 -15.36 9.70
C VAL A 40 3.46 -15.50 10.36
N GLN A 41 2.50 -16.07 9.62
CA GLN A 41 1.18 -16.43 10.18
C GLN A 41 0.92 -17.92 10.00
N TYR A 42 0.41 -18.56 11.08
CA TYR A 42 0.02 -19.98 11.17
C TYR A 42 1.15 -21.00 11.01
N LYS A 43 1.85 -21.36 12.09
CA LYS A 43 3.08 -22.16 11.99
C LYS A 43 2.86 -23.61 11.57
N SER A 44 1.62 -24.09 11.39
CA SER A 44 1.42 -25.53 11.26
C SER A 44 1.61 -26.05 9.83
N TRP A 45 1.19 -25.30 8.83
CA TRP A 45 1.37 -25.75 7.44
C TRP A 45 2.68 -25.18 6.92
N LYS A 46 3.69 -26.05 6.79
CA LYS A 46 5.01 -25.71 6.26
C LYS A 46 5.67 -24.56 7.01
N GLY A 47 5.51 -24.56 8.33
CA GLY A 47 6.10 -23.54 9.18
C GLY A 47 5.41 -22.19 9.16
N GLY A 48 4.34 -22.03 8.38
CA GLY A 48 3.62 -20.77 8.32
C GLY A 48 3.92 -20.00 7.03
N GLY A 49 3.03 -19.06 6.72
CA GLY A 49 3.19 -18.24 5.53
C GLY A 49 3.93 -16.95 5.86
N ILE A 50 4.94 -16.61 5.05
CA ILE A 50 5.74 -15.40 5.27
C ILE A 50 4.97 -14.21 4.70
N ILE A 51 4.82 -13.16 5.50
CA ILE A 51 4.02 -12.00 5.09
C ILE A 51 4.82 -10.70 5.03
N ALA A 52 6.04 -10.64 5.55
CA ALA A 52 6.89 -9.45 5.48
C ALA A 52 8.32 -9.88 5.79
N VAL A 53 9.29 -9.17 5.21
CA VAL A 53 10.67 -9.65 5.13
C VAL A 53 11.62 -8.48 5.33
N SER A 54 12.55 -8.62 6.29
CA SER A 54 13.54 -7.57 6.48
C SER A 54 14.52 -7.57 5.31
N TYR A 55 15.17 -6.42 5.11
CA TYR A 55 16.07 -6.28 3.96
C TYR A 55 17.27 -7.20 4.09
N GLU A 56 17.69 -7.52 5.32
CA GLU A 56 18.75 -8.51 5.50
C GLU A 56 18.31 -9.91 5.02
N ALA A 57 17.05 -10.27 5.24
CA ALA A 57 16.60 -11.59 4.77
C ALA A 57 16.36 -11.60 3.26
N ARG A 58 15.89 -10.47 2.70
CA ARG A 58 15.72 -10.33 1.26
C ARG A 58 17.00 -10.62 0.49
N ALA A 59 18.16 -10.30 1.07
CA ALA A 59 19.44 -10.61 0.42
C ALA A 59 19.69 -12.10 0.26
N PHE A 60 18.95 -12.94 0.98
CA PHE A 60 19.05 -14.39 0.80
C PHE A 60 18.00 -14.95 -0.14
N GLY A 61 17.08 -14.12 -0.63
CA GLY A 61 16.00 -14.57 -1.49
C GLY A 61 14.67 -14.82 -0.81
N VAL A 62 14.57 -14.63 0.50
CA VAL A 62 13.30 -14.79 1.21
C VAL A 62 12.33 -13.73 0.73
N THR A 63 11.10 -14.14 0.41
CA THR A 63 10.08 -13.21 -0.08
C THR A 63 8.75 -13.47 0.62
N ARG A 64 7.86 -12.48 0.51
CA ARG A 64 6.46 -12.64 0.85
CA ARG A 64 6.47 -12.66 0.88
C ARG A 64 5.87 -13.84 0.12
N SER A 65 4.89 -14.49 0.75
CA SER A 65 4.12 -15.61 0.19
C SER A 65 4.91 -16.91 0.16
N MET A 66 6.10 -16.93 0.74
CA MET A 66 6.89 -18.13 0.88
C MET A 66 6.49 -18.84 2.16
N TRP A 67 6.50 -20.16 2.16
CA TRP A 67 6.39 -20.92 3.40
C TRP A 67 7.67 -20.77 4.22
N ALA A 68 7.51 -20.67 5.54
CA ALA A 68 8.69 -20.45 6.39
C ALA A 68 9.69 -21.59 6.27
N ASP A 69 9.21 -22.82 6.11
CA ASP A 69 10.11 -23.97 5.93
C ASP A 69 10.99 -23.81 4.69
N ASP A 70 10.43 -23.27 3.61
CA ASP A 70 11.24 -23.02 2.43
C ASP A 70 12.17 -21.83 2.65
N ALA A 71 11.68 -20.77 3.31
CA ALA A 71 12.55 -19.65 3.65
C ALA A 71 13.75 -20.10 4.47
N LYS A 72 13.55 -21.08 5.37
CA LYS A 72 14.66 -21.57 6.19
C LYS A 72 15.70 -22.28 5.34
N LYS A 73 15.31 -22.85 4.18
CA LYS A 73 16.29 -23.47 3.30
C LYS A 73 17.18 -22.41 2.66
N LEU A 74 16.61 -21.26 2.32
CA LEU A 74 17.40 -20.19 1.75
C LEU A 74 18.25 -19.50 2.81
N CYS A 75 17.72 -19.36 4.03
CA CYS A 75 18.36 -18.57 5.08
C CYS A 75 18.18 -19.30 6.42
N PRO A 76 19.11 -20.20 6.76
CA PRO A 76 18.92 -21.04 7.96
C PRO A 76 18.90 -20.27 9.27
N ASP A 77 19.50 -19.08 9.32
CA ASP A 77 19.50 -18.26 10.52
C ASP A 77 18.32 -17.29 10.59
N LEU A 78 17.30 -17.49 9.75
CA LEU A 78 16.20 -16.55 9.68
C LEU A 78 15.45 -16.52 11.00
N LEU A 79 15.20 -15.33 11.52
CA LEU A 79 14.41 -15.19 12.73
C LEU A 79 12.97 -14.86 12.34
N LEU A 80 12.02 -15.35 13.12
CA LEU A 80 10.61 -15.21 12.78
C LEU A 80 9.83 -14.63 13.94
N ALA A 81 9.04 -13.61 13.66
CA ALA A 81 7.98 -13.20 14.57
C ALA A 81 6.65 -13.69 14.02
N GLN A 82 5.74 -14.07 14.92
CA GLN A 82 4.49 -14.70 14.58
C GLN A 82 3.34 -13.73 14.79
N VAL A 83 2.39 -13.74 13.86
CA VAL A 83 1.20 -12.92 14.00
C VAL A 83 0.34 -13.46 15.14
N ARG A 84 -0.23 -12.55 15.93
CA ARG A 84 -1.18 -12.93 16.98
C ARG A 84 -2.36 -13.66 16.35
N GLU A 85 -2.84 -14.69 17.05
CA GLU A 85 -4.06 -15.41 16.69
C GLU A 85 -5.12 -15.19 17.77
N SER A 86 -6.36 -14.96 17.34
CA SER A 86 -7.51 -14.81 18.23
C SER A 86 -8.70 -15.51 17.59
N ARG A 87 -9.40 -16.33 18.40
CA ARG A 87 -10.56 -17.09 17.92
C ARG A 87 -10.24 -17.93 16.68
N GLY A 88 -9.02 -18.48 16.65
CA GLY A 88 -8.63 -19.34 15.55
C GLY A 88 -8.22 -18.63 14.29
N LYS A 89 -7.91 -17.33 14.39
CA LYS A 89 -7.69 -16.49 13.23
C LYS A 89 -6.47 -15.61 13.44
N ALA A 90 -5.67 -15.45 12.40
CA ALA A 90 -4.63 -14.42 12.40
C ALA A 90 -5.27 -13.06 12.60
N ASN A 91 -4.66 -12.26 13.48
CA ASN A 91 -5.22 -10.98 13.92
C ASN A 91 -4.19 -9.88 13.69
N LEU A 92 -4.56 -8.85 12.94
CA LEU A 92 -3.63 -7.83 12.49
C LEU A 92 -3.74 -6.51 13.27
N THR A 93 -4.30 -6.54 14.48
CA THR A 93 -4.58 -5.29 15.20
C THR A 93 -3.30 -4.51 15.50
N LYS A 94 -2.23 -5.20 15.90
CA LYS A 94 -0.97 -4.53 16.23
C LYS A 94 -0.45 -3.71 15.05
N TYR A 95 -0.63 -4.21 13.84
CA TYR A 95 -0.15 -3.50 12.66
C TYR A 95 -1.10 -2.36 12.28
N ARG A 96 -2.41 -2.56 12.45
CA ARG A 96 -3.36 -1.47 12.22
C ARG A 96 -3.14 -0.34 13.22
N GLU A 97 -2.87 -0.67 14.48
CA GLU A 97 -2.60 0.38 15.45
C GLU A 97 -1.30 1.11 15.14
N ALA A 98 -0.26 0.38 14.68
CA ALA A 98 0.97 1.06 14.30
C ALA A 98 0.77 1.94 13.07
N SER A 99 -0.08 1.49 12.14
CA SER A 99 -0.42 2.29 10.97
C SER A 99 -1.04 3.62 11.40
N VAL A 100 -1.96 3.57 12.35
CA VAL A 100 -2.58 4.79 12.84
C VAL A 100 -1.53 5.73 13.44
N GLU A 101 -0.55 5.19 14.18
CA GLU A 101 0.54 6.05 14.65
C GLU A 101 1.18 6.86 13.52
N VAL A 102 1.59 6.19 12.43
CA VAL A 102 2.34 6.92 11.40
C VAL A 102 1.42 7.87 10.65
N MET A 103 0.17 7.47 10.39
CA MET A 103 -0.72 8.36 9.62
C MET A 103 -1.00 9.65 10.39
N GLU A 104 -1.21 9.54 11.70
CA GLU A 104 -1.48 10.73 12.49
C GLU A 104 -0.30 11.70 12.44
N ILE A 105 0.93 11.18 12.44
CA ILE A 105 2.09 12.06 12.31
C ILE A 105 2.11 12.73 10.94
N MET A 106 1.97 11.94 9.87
CA MET A 106 1.96 12.53 8.53
CA MET A 106 1.95 12.52 8.53
C MET A 106 0.89 13.62 8.41
N SER A 107 -0.27 13.40 9.04
CA SER A 107 -1.38 14.34 8.96
C SER A 107 -1.03 15.70 9.55
N ARG A 108 0.01 15.79 10.37
CA ARG A 108 0.40 17.08 10.93
C ARG A 108 0.97 18.00 9.87
N PHE A 109 1.53 17.45 8.80
CA PHE A 109 2.19 18.25 7.78
C PHE A 109 1.25 18.64 6.64
N ALA A 110 0.29 17.78 6.32
CA ALA A 110 -0.59 18.02 5.19
C ALA A 110 -1.71 17.01 5.26
N VAL A 111 -2.73 17.23 4.43
CA VAL A 111 -3.78 16.21 4.28
C VAL A 111 -3.23 15.03 3.49
N ILE A 112 -3.63 13.83 3.91
CA ILE A 112 -3.08 12.58 3.39
C ILE A 112 -4.22 11.72 2.86
N GLU A 113 -3.90 10.90 1.87
CA GLU A 113 -4.78 9.84 1.41
C GLU A 113 -4.20 8.49 1.85
N ARG A 114 -4.81 7.87 2.85
CA ARG A 114 -4.46 6.50 3.19
C ARG A 114 -4.62 5.59 1.96
N ALA A 115 -3.51 5.00 1.50
CA ALA A 115 -3.54 4.12 0.35
C ALA A 115 -3.39 2.64 0.70
N SER A 116 -2.93 2.33 1.90
CA SER A 116 -2.67 0.97 2.39
C SER A 116 -2.37 1.06 3.88
N ILE A 117 -2.22 -0.10 4.53
CA ILE A 117 -1.84 -0.10 5.94
C ILE A 117 -0.53 0.64 6.18
N ASP A 118 0.36 0.73 5.17
CA ASP A 118 1.69 1.27 5.45
C ASP A 118 2.11 2.43 4.54
N GLU A 119 1.18 3.01 3.77
CA GLU A 119 1.56 4.14 2.92
C GLU A 119 0.40 5.12 2.75
N ALA A 120 0.78 6.38 2.53
CA ALA A 120 -0.17 7.46 2.31
C ALA A 120 0.36 8.41 1.25
N TYR A 121 -0.52 8.89 0.39
CA TYR A 121 -0.15 10.01 -0.45
C TYR A 121 -0.39 11.32 0.28
N VAL A 122 0.40 12.33 -0.05
CA VAL A 122 0.26 13.63 0.60
C VAL A 122 0.36 14.70 -0.49
N ASP A 123 -0.58 15.64 -0.48
CA ASP A 123 -0.51 16.80 -1.35
C ASP A 123 0.21 17.93 -0.64
N LEU A 124 1.41 18.26 -1.11
CA LEU A 124 2.29 19.25 -0.50
C LEU A 124 2.24 20.61 -1.16
N THR A 125 1.39 20.78 -2.19
CA THR A 125 1.35 22.03 -2.94
C THR A 125 1.24 23.26 -2.04
N SER A 126 0.24 23.29 -1.15
CA SER A 126 0.08 24.44 -0.25
C SER A 126 1.27 24.59 0.69
N ALA A 127 1.69 23.48 1.30
CA ALA A 127 2.81 23.53 2.23
C ALA A 127 4.08 24.07 1.56
N VAL A 128 4.29 23.72 0.28
CA VAL A 128 5.45 24.23 -0.46
C VAL A 128 5.33 25.74 -0.66
N GLN A 129 4.15 26.24 -1.03
CA GLN A 129 3.94 27.68 -1.15
C GLN A 129 4.34 28.41 0.13
N GLU A 130 3.82 27.95 1.27
CA GLU A 130 4.13 28.60 2.54
C GLU A 130 5.62 28.54 2.84
N ARG A 131 6.23 27.38 2.64
CA ARG A 131 7.65 27.22 2.94
C ARG A 131 8.51 28.09 2.04
N LEU A 132 8.05 28.34 0.81
CA LEU A 132 8.81 29.23 -0.08
C LEU A 132 8.79 30.67 0.43
N GLN A 133 7.68 31.10 1.04
CA GLN A 133 7.60 32.47 1.56
C GLN A 133 8.49 32.67 2.77
N LYS A 134 8.54 31.68 3.67
CA LYS A 134 9.43 31.76 4.82
C LYS A 134 10.89 31.73 4.41
N LEU A 135 11.22 31.03 3.31
CA LEU A 135 12.60 30.95 2.86
C LEU A 135 13.10 32.31 2.38
N GLN A 136 12.22 33.07 1.71
CA GLN A 136 12.52 34.38 1.13
C GLN A 136 13.77 34.33 0.26
N GLY A 137 13.61 33.66 -0.89
CA GLY A 137 14.63 33.63 -1.92
C GLY A 137 15.93 32.94 -1.52
N GLN A 138 16.01 32.49 -0.28
CA GLN A 138 17.25 31.92 0.22
C GLN A 138 17.45 30.54 -0.39
N PRO A 139 18.66 30.22 -0.87
CA PRO A 139 18.89 28.93 -1.54
C PRO A 139 18.64 27.77 -0.60
N ILE A 140 18.41 26.61 -1.19
CA ILE A 140 18.28 25.36 -0.44
C ILE A 140 19.64 24.68 -0.46
N SER A 141 20.12 24.30 0.72
CA SER A 141 21.42 23.64 0.82
C SER A 141 21.24 22.13 0.90
N ALA A 142 22.30 21.41 0.51
CA ALA A 142 22.29 19.96 0.54
C ALA A 142 22.01 19.40 1.93
N ASP A 143 22.42 20.12 2.98
CA ASP A 143 22.18 19.65 4.34
CA ASP A 143 22.18 19.60 4.33
C ASP A 143 20.70 19.49 4.64
N LEU A 144 19.84 20.19 3.89
CA LEU A 144 18.41 20.04 4.08
C LEU A 144 17.86 18.80 3.39
N LEU A 145 18.66 18.12 2.57
CA LEU A 145 18.24 16.92 1.85
C LEU A 145 19.19 15.76 2.09
N PRO A 146 19.35 15.34 3.35
CA PRO A 146 20.43 14.39 3.67
C PRO A 146 20.16 12.95 3.22
N SER A 147 18.94 12.59 2.79
CA SER A 147 18.65 11.24 2.33
C SER A 147 17.94 11.21 0.99
N THR A 148 18.08 12.28 0.19
CA THR A 148 17.35 12.47 -1.05
C THR A 148 18.22 12.10 -2.24
N TYR A 149 17.69 11.26 -3.13
CA TYR A 149 18.25 10.99 -4.46
C TYR A 149 17.49 11.80 -5.50
N ILE A 150 18.21 12.30 -6.49
CA ILE A 150 17.59 12.96 -7.64
C ILE A 150 17.67 11.97 -8.79
N GLU A 151 16.52 11.45 -9.23
CA GLU A 151 16.51 10.43 -10.26
C GLU A 151 17.10 10.96 -11.55
N GLY A 152 17.99 10.15 -12.17
CA GLY A 152 18.64 10.54 -13.40
C GLY A 152 19.90 11.38 -13.24
N LEU A 153 20.25 11.78 -12.02
CA LEU A 153 21.48 12.47 -11.72
C LEU A 153 22.33 11.61 -10.79
N PRO A 154 23.67 11.72 -10.86
CA PRO A 154 24.48 12.64 -11.69
C PRO A 154 24.58 12.17 -13.14
N GLN A 155 24.75 13.08 -14.10
CA GLN A 155 24.99 12.73 -15.50
C GLN A 155 26.09 13.65 -16.04
N GLY A 156 26.51 13.42 -17.27
CA GLY A 156 27.51 14.25 -17.92
C GLY A 156 28.91 14.15 -17.31
N VAL A 164 32.05 6.67 -7.01
CA VAL A 164 32.78 5.63 -6.31
C VAL A 164 31.79 4.78 -5.47
N GLN A 165 31.31 5.33 -4.36
CA GLN A 165 30.42 4.62 -3.44
C GLN A 165 29.02 5.23 -3.50
N LYS A 166 28.06 4.49 -2.94
CA LYS A 166 26.64 4.87 -3.00
C LYS A 166 26.42 6.31 -2.56
N GLU A 167 26.90 6.67 -1.36
CA GLU A 167 26.57 7.97 -0.79
C GLU A 167 27.27 9.11 -1.54
N GLY A 168 28.44 8.84 -2.10
CA GLY A 168 29.13 9.88 -2.84
C GLY A 168 28.38 10.25 -4.10
N MET A 169 27.89 9.24 -4.84
CA MET A 169 27.14 9.51 -6.06
C MET A 169 25.80 10.17 -5.76
N ARG A 170 25.13 9.79 -4.66
CA ARG A 170 23.94 10.52 -4.26
C ARG A 170 24.23 12.01 -4.11
N LYS A 171 25.32 12.35 -3.41
CA LYS A 171 25.67 13.74 -3.21
C LYS A 171 26.02 14.43 -4.53
N GLN A 172 26.76 13.74 -5.41
CA GLN A 172 27.08 14.33 -6.71
C GLN A 172 25.80 14.64 -7.49
N GLY A 173 24.83 13.71 -7.48
CA GLY A 173 23.57 13.98 -8.14
C GLY A 173 22.83 15.13 -7.49
N LEU A 174 22.81 15.17 -6.16
CA LEU A 174 22.15 16.26 -5.46
C LEU A 174 22.82 17.60 -5.76
N PHE A 175 24.16 17.62 -5.75
CA PHE A 175 24.88 18.86 -6.02
C PHE A 175 24.57 19.38 -7.41
N GLN A 176 24.58 18.51 -8.43
CA GLN A 176 24.21 18.94 -9.77
C GLN A 176 22.80 19.51 -9.79
N TRP A 177 21.86 18.86 -9.11
CA TRP A 177 20.49 19.35 -9.13
C TRP A 177 20.37 20.74 -8.49
N LEU A 178 21.03 20.93 -7.33
CA LEU A 178 20.87 22.18 -6.59
C LEU A 178 21.61 23.33 -7.23
N ASP A 179 22.70 23.03 -7.96
CA ASP A 179 23.44 24.08 -8.65
C ASP A 179 22.75 24.56 -9.91
N SER A 180 21.82 23.78 -10.47
CA SER A 180 21.04 24.24 -11.62
C SER A 180 19.70 24.83 -11.22
N LEU A 181 19.43 24.96 -9.93
CA LEU A 181 18.12 25.39 -9.46
C LEU A 181 17.96 26.90 -9.57
N GLN A 182 16.88 27.33 -10.21
CA GLN A 182 16.60 28.76 -10.45
C GLN A 182 15.63 29.24 -9.37
N ILE A 183 16.19 29.67 -8.23
CA ILE A 183 15.39 30.17 -7.12
C ILE A 183 14.79 31.54 -7.39
N ASP A 184 15.25 32.24 -8.44
CA ASP A 184 14.69 33.54 -8.81
C ASP A 184 13.20 33.48 -9.15
N ASN A 185 12.63 32.28 -9.19
CA ASN A 185 11.26 32.06 -9.66
C ASN A 185 10.55 31.19 -8.65
N LEU A 186 9.56 31.77 -7.94
CA LEU A 186 8.77 30.98 -7.00
C LEU A 186 7.76 30.06 -7.69
N THR A 187 7.65 30.13 -9.02
CA THR A 187 6.72 29.29 -9.77
C THR A 187 7.40 28.12 -10.48
N SER A 188 8.73 28.06 -10.48
CA SER A 188 9.44 26.96 -11.11
C SER A 188 9.04 25.63 -10.50
N PRO A 189 8.53 24.67 -11.30
CA PRO A 189 8.15 23.37 -10.75
C PRO A 189 9.30 22.58 -10.12
N ASP A 190 10.52 22.71 -10.64
CA ASP A 190 11.64 21.99 -10.04
C ASP A 190 11.94 22.50 -8.63
N LEU A 191 11.87 23.82 -8.43
CA LEU A 191 12.02 24.38 -7.08
C LEU A 191 10.94 23.85 -6.15
N GLN A 192 9.69 23.81 -6.62
CA GLN A 192 8.59 23.33 -5.79
C GLN A 192 8.81 21.90 -5.36
N LEU A 193 9.18 21.02 -6.31
CA LEU A 193 9.57 19.64 -6.01
C LEU A 193 10.66 19.60 -4.95
N THR A 194 11.68 20.46 -5.08
CA THR A 194 12.80 20.46 -4.16
C THR A 194 12.36 20.85 -2.75
N VAL A 195 11.52 21.88 -2.64
CA VAL A 195 11.00 22.27 -1.34
C VAL A 195 10.07 21.19 -0.79
N GLY A 196 9.26 20.57 -1.66
CA GLY A 196 8.52 19.39 -1.23
C GLY A 196 9.41 18.33 -0.61
N ALA A 197 10.59 18.12 -1.19
CA ALA A 197 11.54 17.13 -0.67
C ALA A 197 12.13 17.54 0.66
N VAL A 198 12.30 18.85 0.91
CA VAL A 198 12.76 19.30 2.21
C VAL A 198 11.70 18.97 3.27
N ILE A 199 10.43 19.15 2.94
CA ILE A 199 9.36 18.82 3.87
C ILE A 199 9.30 17.31 4.10
N VAL A 200 9.45 16.50 3.04
CA VAL A 200 9.35 15.06 3.23
C VAL A 200 10.50 14.52 4.10
N GLU A 201 11.69 15.14 4.02
CA GLU A 201 12.77 14.77 4.93
C GLU A 201 12.34 15.00 6.38
N GLU A 202 11.72 16.15 6.67
CA GLU A 202 11.27 16.46 8.01
C GLU A 202 10.13 15.53 8.44
N MET A 203 9.21 15.24 7.51
CA MET A 203 8.14 14.27 7.76
C MET A 203 8.70 12.92 8.19
N ARG A 204 9.64 12.38 7.41
CA ARG A 204 10.21 11.07 7.71
C ARG A 204 11.03 11.09 8.99
N ALA A 205 11.70 12.22 9.28
CA ALA A 205 12.44 12.34 10.54
C ALA A 205 11.47 12.32 11.74
N ALA A 206 10.32 12.98 11.61
CA ALA A 206 9.31 12.93 12.66
C ALA A 206 8.76 11.52 12.87
N ILE A 207 8.50 10.79 11.77
CA ILE A 207 8.03 9.41 11.89
C ILE A 207 9.07 8.56 12.61
N GLU A 208 10.32 8.63 12.18
CA GLU A 208 11.34 7.80 12.83
C GLU A 208 11.55 8.23 14.28
N ARG A 209 11.58 9.54 14.54
CA ARG A 209 11.79 10.00 15.91
C ARG A 209 10.65 9.54 16.83
N GLU A 210 9.40 9.64 16.36
CA GLU A 210 8.24 9.45 17.22
C GLU A 210 7.71 8.03 17.21
N THR A 211 8.18 7.16 16.30
CA THR A 211 7.75 5.77 16.28
C THR A 211 8.89 4.79 16.34
N GLY A 212 10.12 5.18 15.98
CA GLY A 212 11.18 4.24 15.72
C GLY A 212 11.17 3.61 14.34
N PHE A 213 10.15 3.87 13.51
CA PHE A 213 10.00 3.20 12.22
C PHE A 213 10.65 4.01 11.10
N GLN A 214 11.31 3.31 10.19
CA GLN A 214 11.93 3.92 9.03
C GLN A 214 11.03 3.74 7.81
N CYS A 215 11.12 4.69 6.89
CA CYS A 215 10.29 4.68 5.70
C CYS A 215 11.02 5.30 4.53
N SER A 216 10.50 5.08 3.34
CA SER A 216 11.00 5.70 2.12
C SER A 216 9.92 6.57 1.53
N ALA A 217 10.31 7.46 0.61
CA ALA A 217 9.32 8.35 0.02
C ALA A 217 9.66 8.65 -1.43
N GLY A 218 8.62 8.93 -2.21
CA GLY A 218 8.79 9.50 -3.54
C GLY A 218 8.16 10.88 -3.56
N ILE A 219 8.81 11.80 -4.27
CA ILE A 219 8.32 13.17 -4.44
C ILE A 219 8.23 13.46 -5.93
N SER A 220 7.04 13.77 -6.41
CA SER A 220 6.94 14.17 -7.81
C SER A 220 5.74 15.07 -8.03
N HIS A 221 5.18 15.07 -9.24
CA HIS A 221 4.07 15.96 -9.57
C HIS A 221 2.72 15.26 -9.54
N ASN A 222 2.68 13.94 -9.34
CA ASN A 222 1.41 13.23 -9.26
C ASN A 222 1.64 11.92 -8.49
N LYS A 223 0.55 11.17 -8.30
CA LYS A 223 0.59 10.00 -7.45
C LYS A 223 1.37 8.86 -8.11
N VAL A 224 1.17 8.62 -9.41
CA VAL A 224 1.84 7.50 -10.05
C VAL A 224 3.35 7.70 -10.02
N LEU A 225 3.82 8.91 -10.30
CA LEU A 225 5.27 9.14 -10.30
C LEU A 225 5.82 9.12 -8.88
N ALA A 226 5.03 9.62 -7.92
CA ALA A 226 5.48 9.59 -6.54
C ALA A 226 5.67 8.16 -6.06
N LYS A 227 4.70 7.29 -6.37
CA LYS A 227 4.80 5.89 -5.95
C LYS A 227 5.97 5.19 -6.63
N LEU A 228 6.11 5.36 -7.96
CA LEU A 228 7.27 4.80 -8.66
C LEU A 228 8.57 5.31 -8.06
N ALA A 229 8.65 6.61 -7.78
CA ALA A 229 9.85 7.20 -7.19
C ALA A 229 10.19 6.56 -5.84
N CYS A 230 9.18 6.30 -5.01
CA CYS A 230 9.43 5.75 -3.69
C CYS A 230 10.24 4.45 -3.78
N GLY A 231 9.83 3.54 -4.66
CA GLY A 231 10.53 2.27 -4.80
C GLY A 231 11.92 2.32 -5.43
N LEU A 232 12.36 3.49 -5.90
CA LEU A 232 13.65 3.52 -6.61
C LEU A 232 14.83 3.38 -5.65
N ASN A 233 14.70 3.82 -4.39
CA ASN A 233 15.89 3.80 -3.54
C ASN A 233 15.58 3.29 -2.12
N LYS A 234 14.57 2.44 -1.98
CA LYS A 234 14.33 1.76 -0.72
C LYS A 234 15.56 0.93 -0.32
N PRO A 235 15.83 0.76 0.98
CA PRO A 235 15.14 1.29 2.16
C PRO A 235 15.70 2.61 2.70
N ASN A 236 14.90 3.35 3.47
CA ASN A 236 15.38 4.47 4.27
C ASN A 236 15.95 5.60 3.41
N ARG A 237 15.36 5.86 2.24
CA ARG A 237 15.80 6.95 1.36
C ARG A 237 14.57 7.51 0.67
N GLN A 238 14.70 8.73 0.14
CA GLN A 238 13.62 9.32 -0.64
C GLN A 238 14.13 9.73 -2.00
N THR A 239 13.22 9.81 -2.96
CA THR A 239 13.62 10.05 -4.34
C THR A 239 12.73 11.09 -4.99
N LEU A 240 13.38 12.09 -5.61
CA LEU A 240 12.70 13.15 -6.36
C LEU A 240 12.70 12.78 -7.85
N VAL A 241 11.52 12.62 -8.43
CA VAL A 241 11.38 12.36 -9.86
C VAL A 241 10.82 13.62 -10.48
N SER A 242 11.65 14.33 -11.24
CA SER A 242 11.20 15.59 -11.84
C SER A 242 10.51 15.32 -13.17
N HIS A 243 9.74 16.32 -13.63
CA HIS A 243 9.10 16.19 -14.94
C HIS A 243 10.14 15.91 -16.02
N GLY A 244 11.29 16.60 -15.98
CA GLY A 244 12.32 16.42 -16.99
C GLY A 244 12.96 15.03 -16.99
N SER A 245 12.99 14.34 -15.86
CA SER A 245 13.58 13.01 -15.80
C SER A 245 12.70 11.91 -16.41
N VAL A 246 11.43 12.18 -16.71
CA VAL A 246 10.52 11.11 -17.16
C VAL A 246 10.97 10.44 -18.46
N PRO A 247 11.38 11.16 -19.51
CA PRO A 247 11.73 10.46 -20.79
C PRO A 247 12.81 9.40 -20.65
N GLN A 248 13.93 9.70 -19.96
CA GLN A 248 14.94 8.65 -19.74
C GLN A 248 14.42 7.55 -18.81
N LEU A 249 13.78 7.94 -17.69
CA LEU A 249 13.23 6.97 -16.75
C LEU A 249 12.30 5.97 -17.42
N PHE A 250 11.35 6.47 -18.20
CA PHE A 250 10.36 5.63 -18.84
C PHE A 250 10.89 4.87 -20.05
N SER A 251 12.03 5.30 -20.62
CA SER A 251 12.51 4.68 -21.85
C SER A 251 12.92 3.22 -21.67
N GLN A 252 13.28 2.80 -20.45
CA GLN A 252 13.58 1.41 -20.17
C GLN A 252 12.74 0.88 -19.01
N MET A 253 11.61 1.51 -18.71
CA MET A 253 10.79 1.07 -17.59
C MET A 253 9.71 0.11 -18.09
N PRO A 254 9.76 -1.16 -17.72
CA PRO A 254 8.68 -2.08 -18.11
C PRO A 254 7.31 -1.52 -17.73
N ILE A 255 6.32 -1.80 -18.58
CA ILE A 255 4.99 -1.28 -18.35
C ILE A 255 4.42 -1.75 -17.00
N ARG A 256 4.71 -3.00 -16.62
CA ARG A 256 4.11 -3.56 -15.42
C ARG A 256 4.56 -2.87 -14.12
N LYS A 257 5.60 -2.03 -14.15
CA LYS A 257 6.05 -1.35 -12.94
C LYS A 257 5.18 -0.16 -12.58
N ILE A 258 4.32 0.29 -13.49
CA ILE A 258 3.50 1.45 -13.21
C ILE A 258 2.28 0.97 -12.43
N ARG A 259 1.96 1.67 -11.34
CA ARG A 259 0.79 1.32 -10.54
C ARG A 259 -0.46 1.23 -11.39
N SER A 260 -1.13 0.08 -11.32
CA SER A 260 -2.35 -0.36 -12.02
C SER A 260 -2.06 -1.12 -13.30
N LEU A 261 -0.81 -1.19 -13.75
CA LEU A 261 -0.47 -1.91 -14.98
C LEU A 261 0.25 -3.23 -14.69
N GLY A 262 0.30 -3.64 -13.43
CA GLY A 262 0.93 -4.88 -13.04
C GLY A 262 0.14 -6.14 -13.29
N GLY A 263 -1.04 -6.05 -13.90
CA GLY A 263 -1.84 -7.23 -14.17
C GLY A 263 -2.37 -7.34 -15.59
N LYS A 264 -3.67 -7.61 -15.71
CA LYS A 264 -4.28 -7.94 -17.00
C LYS A 264 -4.21 -6.77 -18.01
N LEU A 265 -4.52 -5.55 -17.56
CA LEU A 265 -4.52 -4.41 -18.47
C LEU A 265 -3.12 -4.14 -19.01
N GLY A 266 -2.12 -4.15 -18.11
CA GLY A 266 -0.75 -3.96 -18.56
C GLY A 266 -0.30 -5.02 -19.53
N ALA A 267 -0.69 -6.27 -19.30
CA ALA A 267 -0.33 -7.35 -20.20
C ALA A 267 -0.98 -7.19 -21.57
N SER A 268 -2.18 -6.61 -21.64
CA SER A 268 -2.79 -6.38 -22.95
C SER A 268 -2.21 -5.16 -23.65
N VAL A 269 -1.76 -4.16 -22.89
CA VAL A 269 -0.99 -3.07 -23.47
C VAL A 269 0.21 -3.64 -24.22
N ILE A 270 1.00 -4.46 -23.52
CA ILE A 270 2.20 -5.08 -24.10
C ILE A 270 1.84 -5.91 -25.32
N GLU A 271 0.77 -6.71 -25.24
CA GLU A 271 0.46 -7.66 -26.30
C GLU A 271 -0.22 -6.99 -27.49
N ILE A 272 -1.18 -6.10 -27.26
CA ILE A 272 -1.89 -5.49 -28.38
C ILE A 272 -0.98 -4.54 -29.14
N LEU A 273 -0.11 -3.81 -28.42
CA LEU A 273 0.70 -2.77 -29.04
C LEU A 273 2.07 -3.26 -29.50
N GLY A 274 2.52 -4.41 -29.02
CA GLY A 274 3.82 -4.93 -29.37
C GLY A 274 4.95 -4.10 -28.81
N ILE A 275 4.87 -3.74 -27.52
CA ILE A 275 5.85 -2.88 -26.85
C ILE A 275 6.20 -3.49 -25.50
N GLU A 276 7.29 -2.99 -24.90
CA GLU A 276 7.84 -3.41 -23.60
C GLU A 276 7.87 -2.30 -22.56
N TYR A 277 8.23 -1.08 -22.95
CA TYR A 277 8.57 -0.02 -22.00
C TYR A 277 7.59 1.12 -22.10
N MET A 278 7.41 1.82 -20.98
CA MET A 278 6.39 2.86 -20.89
C MET A 278 6.61 3.96 -21.91
N GLY A 279 7.86 4.30 -22.18
CA GLY A 279 8.15 5.37 -23.12
C GLY A 279 7.71 5.06 -24.53
N GLU A 280 7.54 3.77 -24.87
CA GLU A 280 7.07 3.44 -26.21
C GLU A 280 5.63 3.89 -26.43
N LEU A 281 4.89 4.17 -25.34
CA LEU A 281 3.49 4.54 -25.51
C LEU A 281 3.32 5.92 -26.16
N THR A 282 4.37 6.73 -26.17
CA THR A 282 4.24 8.11 -26.64
C THR A 282 4.03 8.19 -28.13
N GLN A 283 4.36 7.15 -28.88
CA GLN A 283 4.23 7.26 -30.32
C GLN A 283 2.78 7.17 -30.80
N PHE A 284 1.84 6.78 -29.94
CA PHE A 284 0.44 6.55 -30.30
C PHE A 284 -0.41 7.78 -30.01
N THR A 285 -1.42 8.01 -30.84
CA THR A 285 -2.33 9.12 -30.55
C THR A 285 -3.26 8.75 -29.40
N GLU A 286 -3.85 9.78 -28.78
CA GLU A 286 -4.81 9.53 -27.71
C GLU A 286 -5.96 8.68 -28.21
N SER A 287 -6.47 8.98 -29.41
CA SER A 287 -7.60 8.21 -29.95
C SER A 287 -7.23 6.75 -30.17
N GLN A 288 -5.99 6.49 -30.64
CA GLN A 288 -5.55 5.12 -30.81
C GLN A 288 -5.62 4.36 -29.49
N LEU A 289 -5.05 4.95 -28.43
CA LEU A 289 -5.05 4.26 -27.14
C LEU A 289 -6.47 4.06 -26.61
N GLN A 290 -7.35 5.02 -26.86
CA GLN A 290 -8.74 4.86 -26.46
C GLN A 290 -9.41 3.72 -27.23
N SER A 291 -9.06 3.54 -28.50
CA SER A 291 -9.68 2.48 -29.28
C SER A 291 -9.36 1.10 -28.71
N HIS A 292 -8.13 0.89 -28.24
CA HIS A 292 -7.78 -0.43 -27.71
C HIS A 292 -8.26 -0.61 -26.28
N PHE A 293 -8.13 0.43 -25.46
CA PHE A 293 -8.24 0.30 -24.01
C PHE A 293 -9.42 1.09 -23.45
N GLY A 294 -10.25 1.65 -24.31
CA GLY A 294 -11.37 2.44 -23.85
C GLY A 294 -10.99 3.89 -23.56
N GLU A 295 -12.01 4.73 -23.47
CA GLU A 295 -11.82 6.17 -23.42
C GLU A 295 -11.05 6.62 -22.17
N LYS A 296 -11.42 6.11 -20.99
CA LYS A 296 -10.75 6.55 -19.77
C LYS A 296 -9.34 5.99 -19.66
N ASN A 297 -9.20 4.68 -19.85
CA ASN A 297 -7.87 4.06 -19.86
C ASN A 297 -6.98 4.69 -20.94
N GLY A 298 -7.54 4.93 -22.13
CA GLY A 298 -6.73 5.48 -23.21
C GLY A 298 -6.23 6.87 -22.90
N SER A 299 -7.14 7.75 -22.44
CA SER A 299 -6.75 9.09 -21.99
C SER A 299 -5.74 9.02 -20.86
N TRP A 300 -5.96 8.10 -19.91
CA TRP A 300 -5.02 7.94 -18.80
C TRP A 300 -3.63 7.54 -19.32
N LEU A 301 -3.58 6.58 -20.25
CA LEU A 301 -2.30 6.13 -20.77
C LEU A 301 -1.61 7.23 -21.58
N TYR A 302 -2.37 7.98 -22.38
CA TYR A 302 -1.77 8.99 -23.22
C TYR A 302 -1.04 10.02 -22.39
N ALA A 303 -1.68 10.48 -21.31
CA ALA A 303 -1.04 11.44 -20.42
C ALA A 303 0.05 10.79 -19.56
N MET A 304 -0.19 9.58 -19.04
CA MET A 304 0.75 8.96 -18.09
C MET A 304 2.13 8.73 -18.70
N CYS A 305 2.18 8.26 -19.95
CA CYS A 305 3.48 8.02 -20.58
C CYS A 305 4.24 9.32 -20.84
N ARG A 306 3.60 10.47 -20.65
CA ARG A 306 4.26 11.76 -20.67
C ARG A 306 4.48 12.30 -19.27
N GLY A 307 4.28 11.49 -18.23
CA GLY A 307 4.52 11.93 -16.88
C GLY A 307 3.42 12.79 -16.30
N ILE A 308 2.22 12.75 -16.89
CA ILE A 308 1.10 13.61 -16.52
C ILE A 308 -0.04 12.74 -16.01
N GLU A 309 -0.62 13.11 -14.87
CA GLU A 309 -1.73 12.38 -14.26
C GLU A 309 -2.48 13.31 -13.31
N HIS A 310 -3.80 13.19 -13.28
CA HIS A 310 -4.61 14.19 -12.57
C HIS A 310 -5.36 13.66 -11.36
N ASP A 311 -5.28 12.36 -11.06
CA ASP A 311 -5.96 11.80 -9.90
C ASP A 311 -5.60 12.59 -8.64
N PRO A 312 -6.59 13.12 -7.91
CA PRO A 312 -6.27 13.94 -6.74
C PRO A 312 -5.93 13.10 -5.52
N VAL A 313 -5.16 13.70 -4.62
CA VAL A 313 -4.93 13.10 -3.31
C VAL A 313 -6.21 13.32 -2.51
N LYS A 314 -6.97 12.26 -2.27
CA LYS A 314 -8.24 12.44 -1.58
C LYS A 314 -8.01 12.62 -0.09
N PRO A 315 -8.66 13.59 0.54
CA PRO A 315 -8.51 13.76 2.00
C PRO A 315 -9.23 12.65 2.75
N ARG A 316 -8.56 11.52 2.96
CA ARG A 316 -9.19 10.39 3.64
C ARG A 316 -8.07 9.62 4.32
N GLN A 317 -7.99 9.76 5.64
CA GLN A 317 -7.00 9.09 6.49
C GLN A 317 -7.50 7.75 7.03
N LEU A 318 -8.79 7.46 6.93
CA LEU A 318 -9.36 6.27 7.53
C LEU A 318 -9.88 5.34 6.43
N PRO A 319 -9.76 4.02 6.61
CA PRO A 319 -10.38 3.09 5.66
C PRO A 319 -11.89 3.33 5.58
N LYS A 320 -12.48 3.03 4.42
CA LYS A 320 -13.92 3.18 4.22
C LYS A 320 -14.68 1.87 4.31
N THR A 321 -13.98 0.73 4.34
CA THR A 321 -14.57 -0.55 4.71
C THR A 321 -13.75 -1.15 5.84
N ILE A 322 -14.38 -2.08 6.58
CA ILE A 322 -13.73 -2.80 7.67
C ILE A 322 -14.07 -4.27 7.50
N GLY A 323 -13.08 -5.08 7.18
CA GLY A 323 -13.31 -6.44 6.73
C GLY A 323 -12.58 -7.46 7.55
N CYS A 324 -13.15 -8.67 7.58
CA CYS A 324 -12.67 -9.78 8.40
C CYS A 324 -12.98 -11.07 7.65
N SER A 325 -11.95 -11.87 7.33
CA SER A 325 -12.11 -13.06 6.51
C SER A 325 -11.20 -14.18 7.00
N LYS A 326 -11.58 -15.41 6.66
CA LYS A 326 -10.78 -16.59 6.99
C LYS A 326 -10.86 -17.60 5.85
N ASN A 327 -9.72 -18.18 5.50
CA ASN A 327 -9.61 -19.20 4.46
C ASN A 327 -9.72 -20.58 5.08
N PHE A 328 -10.35 -21.50 4.36
CA PHE A 328 -10.55 -22.88 4.79
C PHE A 328 -10.03 -23.79 3.69
N PRO A 329 -8.72 -23.88 3.55
CA PRO A 329 -8.14 -24.47 2.34
C PRO A 329 -8.21 -25.98 2.32
N GLY A 330 -8.28 -26.52 1.12
CA GLY A 330 -8.25 -27.96 0.89
C GLY A 330 -9.22 -28.75 1.75
N LYS A 331 -8.67 -29.63 2.60
CA LYS A 331 -9.48 -30.52 3.41
C LYS A 331 -10.02 -29.89 4.68
N THR A 332 -9.60 -28.67 5.02
CA THR A 332 -10.22 -27.96 6.12
C THR A 332 -11.53 -27.28 5.73
N ALA A 333 -11.95 -27.42 4.46
CA ALA A 333 -13.12 -26.69 3.98
C ALA A 333 -14.35 -27.04 4.81
N LEU A 334 -15.23 -26.06 4.97
CA LEU A 334 -16.39 -26.20 5.83
C LEU A 334 -17.47 -27.02 5.13
N ALA A 335 -17.86 -28.14 5.75
CA ALA A 335 -18.82 -29.05 5.14
C ALA A 335 -19.98 -29.42 6.06
N THR A 336 -20.06 -28.84 7.25
CA THR A 336 -21.20 -29.04 8.12
C THR A 336 -21.81 -27.70 8.48
N ARG A 337 -23.14 -27.67 8.56
CA ARG A 337 -23.85 -26.45 8.93
C ARG A 337 -23.30 -25.86 10.22
N GLU A 338 -23.01 -26.71 11.21
CA GLU A 338 -22.53 -26.22 12.51
C GLU A 338 -21.14 -25.59 12.42
N GLN A 339 -20.29 -26.12 11.54
CA GLN A 339 -19.00 -25.49 11.27
C GLN A 339 -19.17 -24.05 10.78
N VAL A 340 -19.98 -23.88 9.73
CA VAL A 340 -20.19 -22.55 9.14
C VAL A 340 -20.67 -21.58 10.20
N GLN A 341 -21.61 -22.02 11.04
CA GLN A 341 -22.17 -21.12 12.05
C GLN A 341 -21.14 -20.75 13.09
N TRP A 342 -20.25 -21.68 13.45
CA TRP A 342 -19.26 -21.36 14.47
C TRP A 342 -18.24 -20.35 13.94
N TRP A 343 -17.78 -20.54 12.70
CA TRP A 343 -16.77 -19.63 12.15
C TRP A 343 -17.39 -18.28 11.77
N LEU A 344 -18.67 -18.25 11.39
CA LEU A 344 -19.31 -16.96 11.16
C LEU A 344 -19.37 -16.16 12.45
N LEU A 345 -19.53 -16.85 13.58
CA LEU A 345 -19.60 -16.17 14.87
C LEU A 345 -18.20 -15.73 15.34
N GLN A 346 -17.17 -16.54 15.11
CA GLN A 346 -15.81 -16.09 15.40
C GLN A 346 -15.49 -14.82 14.62
N LEU A 347 -15.79 -14.80 13.32
CA LEU A 347 -15.54 -13.61 12.52
C LEU A 347 -16.36 -12.44 13.00
N ALA A 348 -17.63 -12.68 13.31
CA ALA A 348 -18.52 -11.61 13.76
C ALA A 348 -18.04 -11.00 15.06
N GLN A 349 -17.47 -11.82 15.95
CA GLN A 349 -16.95 -11.28 17.21
C GLN A 349 -15.72 -10.41 16.99
N GLU A 350 -14.85 -10.81 16.06
CA GLU A 350 -13.70 -9.94 15.77
C GLU A 350 -14.16 -8.65 15.09
N LEU A 351 -15.10 -8.77 14.15
CA LEU A 351 -15.62 -7.59 13.47
C LEU A 351 -16.27 -6.64 14.47
N GLU A 352 -17.01 -7.19 15.45
CA GLU A 352 -17.70 -6.32 16.41
C GLU A 352 -16.72 -5.53 17.26
N GLU A 353 -15.64 -6.16 17.74
CA GLU A 353 -14.70 -5.39 18.54
C GLU A 353 -13.96 -4.36 17.69
N ARG A 354 -13.69 -4.70 16.43
CA ARG A 354 -13.11 -3.71 15.53
C ARG A 354 -14.10 -2.58 15.26
N LEU A 355 -15.39 -2.90 15.05
CA LEU A 355 -16.38 -1.87 14.77
C LEU A 355 -16.61 -0.95 15.96
N THR A 356 -16.71 -1.52 17.17
CA THR A 356 -16.93 -0.69 18.36
C THR A 356 -15.77 0.27 18.57
N LYS A 357 -14.54 -0.21 18.41
CA LYS A 357 -13.38 0.67 18.50
C LYS A 357 -13.45 1.77 17.45
N ASP A 358 -13.88 1.42 16.24
CA ASP A 358 -13.96 2.40 15.16
C ASP A 358 -14.95 3.50 15.51
N ARG A 359 -16.11 3.12 16.04
CA ARG A 359 -17.12 4.11 16.42
C ARG A 359 -16.61 5.05 17.51
N ASN A 360 -15.94 4.51 18.53
CA ASN A 360 -15.43 5.36 19.62
C ASN A 360 -14.32 6.29 19.13
N ASP A 361 -13.46 5.80 18.26
CA ASP A 361 -12.33 6.59 17.78
C ASP A 361 -12.77 7.61 16.72
N ASN A 362 -13.63 7.21 15.80
CA ASN A 362 -13.82 7.93 14.56
C ASN A 362 -15.23 8.49 14.38
N ASP A 363 -16.11 8.33 15.35
CA ASP A 363 -17.43 8.95 15.35
C ASP A 363 -18.23 8.60 14.08
N ARG A 364 -18.38 7.30 13.85
CA ARG A 364 -19.08 6.83 12.67
C ARG A 364 -19.59 5.43 12.94
N VAL A 365 -20.57 5.02 12.13
CA VAL A 365 -21.20 3.70 12.24
C VAL A 365 -21.41 3.14 10.85
N ALA A 366 -21.03 1.87 10.65
CA ALA A 366 -21.35 1.17 9.42
C ALA A 366 -22.82 0.78 9.38
N THR A 367 -23.40 0.83 8.18
CA THR A 367 -24.81 0.53 7.99
C THR A 367 -25.06 -0.67 7.11
N GLN A 368 -24.05 -1.15 6.39
CA GLN A 368 -24.21 -2.30 5.53
C GLN A 368 -23.20 -3.37 5.93
N LEU A 369 -23.61 -4.63 5.89
CA LEU A 369 -22.75 -5.77 6.12
C LEU A 369 -22.80 -6.62 4.86
N VAL A 370 -21.64 -6.83 4.25
CA VAL A 370 -21.52 -7.63 3.03
C VAL A 370 -21.00 -9.00 3.42
N VAL A 371 -21.66 -10.05 2.95
CA VAL A 371 -21.30 -11.42 3.29
C VAL A 371 -20.81 -12.09 2.03
N SER A 372 -19.56 -12.54 2.05
CA SER A 372 -18.94 -13.17 0.89
C SER A 372 -18.44 -14.55 1.27
N ILE A 373 -18.52 -15.47 0.32
CA ILE A 373 -18.03 -16.84 0.50
C ILE A 373 -17.32 -17.29 -0.77
N ARG A 374 -16.40 -18.24 -0.58
CA ARG A 374 -15.76 -18.94 -1.67
C ARG A 374 -16.15 -20.41 -1.53
N VAL A 375 -16.37 -21.06 -2.67
CA VAL A 375 -16.84 -22.44 -2.72
C VAL A 375 -15.74 -23.32 -3.30
N GLN A 376 -15.60 -24.53 -2.77
CA GLN A 376 -14.49 -25.40 -3.16
C GLN A 376 -14.52 -25.65 -4.65
N GLY A 377 -13.39 -25.41 -5.31
CA GLY A 377 -13.27 -25.63 -6.73
C GLY A 377 -13.36 -24.38 -7.57
N ASP A 378 -13.61 -23.22 -6.97
CA ASP A 378 -13.72 -21.95 -7.69
C ASP A 378 -12.42 -21.17 -7.55
N LYS A 379 -11.83 -20.79 -8.69
CA LYS A 379 -10.58 -20.06 -8.68
C LYS A 379 -10.75 -18.56 -8.46
N ARG A 380 -11.99 -18.07 -8.34
CA ARG A 380 -12.24 -16.67 -8.00
C ARG A 380 -12.02 -16.42 -6.51
N LEU A 381 -11.71 -15.17 -6.17
CA LEU A 381 -11.61 -14.79 -4.77
C LEU A 381 -12.93 -15.06 -4.04
N SER A 382 -14.00 -14.41 -4.47
CA SER A 382 -15.33 -14.64 -3.92
C SER A 382 -16.18 -15.44 -4.90
N SER A 383 -16.92 -16.41 -4.35
CA SER A 383 -17.91 -17.11 -5.15
C SER A 383 -19.25 -16.39 -5.19
N LEU A 384 -19.54 -15.54 -4.20
CA LEU A 384 -20.86 -14.96 -4.07
C LEU A 384 -20.82 -13.88 -2.99
N ARG A 385 -21.45 -12.74 -3.28
CA ARG A 385 -21.53 -11.61 -2.35
C ARG A 385 -22.99 -11.24 -2.15
N ARG A 386 -23.39 -11.07 -0.90
CA ARG A 386 -24.74 -10.65 -0.56
C ARG A 386 -24.65 -9.63 0.55
N CYS A 387 -25.40 -8.54 0.43
CA CYS A 387 -25.41 -7.51 1.45
C CYS A 387 -26.66 -7.61 2.31
N CYS A 388 -26.59 -7.04 3.51
CA CYS A 388 -27.71 -7.02 4.43
C CYS A 388 -27.52 -5.87 5.42
N ALA A 389 -28.59 -5.54 6.13
CA ALA A 389 -28.56 -4.37 7.00
C ALA A 389 -27.65 -4.62 8.19
N LEU A 390 -26.96 -3.57 8.63
CA LEU A 390 -26.15 -3.56 9.84
C LEU A 390 -26.72 -2.49 10.77
N THR A 391 -27.56 -2.90 11.72
CA THR A 391 -28.22 -1.96 12.62
C THR A 391 -27.59 -1.91 14.02
N ARG A 392 -27.04 -3.03 14.49
CA ARG A 392 -26.52 -3.14 15.85
C ARG A 392 -25.16 -3.80 15.79
N TYR A 393 -24.19 -3.23 16.49
CA TYR A 393 -22.89 -3.88 16.63
C TYR A 393 -23.06 -5.04 17.60
N ASP A 394 -23.69 -6.10 17.11
CA ASP A 394 -23.97 -7.30 17.89
C ASP A 394 -23.48 -8.50 17.11
N ALA A 395 -22.49 -9.21 17.65
CA ALA A 395 -21.85 -10.26 16.86
C ALA A 395 -22.80 -11.43 16.63
N HIS A 396 -23.59 -11.80 17.64
CA HIS A 396 -24.53 -12.91 17.45
C HIS A 396 -25.58 -12.57 16.40
N LYS A 397 -26.09 -11.33 16.42
CA LYS A 397 -27.04 -10.93 15.38
C LYS A 397 -26.37 -10.87 14.01
N MET A 398 -25.16 -10.32 13.94
CA MET A 398 -24.46 -10.23 12.66
C MET A 398 -24.24 -11.61 12.06
N SER A 399 -23.77 -12.57 12.87
CA SER A 399 -23.52 -13.90 12.35
C SER A 399 -24.80 -14.61 11.96
N HIS A 400 -25.84 -14.48 12.80
CA HIS A 400 -27.15 -15.01 12.42
C HIS A 400 -27.61 -14.40 11.09
N ASP A 401 -27.55 -13.07 10.98
CA ASP A 401 -27.94 -12.43 9.73
C ASP A 401 -27.10 -12.92 8.56
N ALA A 402 -25.78 -13.04 8.77
CA ALA A 402 -24.89 -13.47 7.70
C ALA A 402 -25.23 -14.88 7.23
N PHE A 403 -25.61 -15.75 8.17
CA PHE A 403 -26.03 -17.10 7.81
C PHE A 403 -27.34 -17.08 7.04
N THR A 404 -28.27 -16.21 7.44
CA THR A 404 -29.56 -16.15 6.77
C THR A 404 -29.39 -15.94 5.27
N VAL A 405 -28.50 -15.03 4.88
CA VAL A 405 -28.39 -14.66 3.46
C VAL A 405 -27.53 -15.63 2.67
N ILE A 406 -26.88 -16.61 3.31
CA ILE A 406 -26.09 -17.57 2.58
C ILE A 406 -26.59 -19.01 2.74
N LYS A 407 -27.45 -19.30 3.71
CA LYS A 407 -27.96 -20.66 3.87
C LYS A 407 -28.61 -21.18 2.59
N ASN A 408 -29.09 -20.29 1.73
CA ASN A 408 -29.62 -20.67 0.43
C ASN A 408 -28.58 -21.35 -0.45
N CYS A 409 -27.29 -21.16 -0.17
CA CYS A 409 -26.26 -21.76 -1.03
C CYS A 409 -25.93 -23.20 -0.67
N ASN A 410 -26.44 -23.70 0.46
CA ASN A 410 -26.27 -25.11 0.80
C ASN A 410 -27.15 -25.95 -0.13
N THR A 411 -26.51 -26.66 -1.07
CA THR A 411 -27.22 -27.52 -2.00
C THR A 411 -27.31 -28.96 -1.52
N SER A 412 -26.98 -29.21 -0.25
CA SER A 412 -27.03 -30.57 0.29
C SER A 412 -28.46 -30.96 0.62
N GLY A 413 -28.82 -32.19 0.22
CA GLY A 413 -30.14 -32.69 0.56
C GLY A 413 -30.31 -32.95 2.05
N ILE A 414 -29.30 -33.60 2.66
CA ILE A 414 -29.29 -33.75 4.11
C ILE A 414 -29.14 -32.36 4.75
N GLN A 415 -29.86 -32.16 5.86
CA GLN A 415 -29.95 -30.83 6.46
C GLN A 415 -28.65 -30.41 7.15
N THR A 416 -27.92 -31.37 7.73
CA THR A 416 -26.77 -31.05 8.57
C THR A 416 -25.53 -30.75 7.74
N GLU A 417 -25.32 -31.52 6.67
CA GLU A 417 -24.17 -31.29 5.81
C GLU A 417 -24.31 -29.97 5.04
N TRP A 418 -23.17 -29.42 4.66
CA TRP A 418 -23.13 -28.25 3.80
C TRP A 418 -22.38 -28.60 2.53
N SER A 419 -23.01 -28.37 1.39
CA SER A 419 -22.37 -28.60 0.10
C SER A 419 -22.81 -27.51 -0.86
N PRO A 420 -21.92 -27.10 -1.78
CA PRO A 420 -20.52 -27.51 -1.92
C PRO A 420 -19.71 -26.88 -0.78
N PRO A 421 -18.57 -27.46 -0.41
CA PRO A 421 -17.85 -26.99 0.79
C PRO A 421 -17.23 -25.61 0.61
N LEU A 422 -17.15 -24.87 1.71
CA LEU A 422 -16.77 -23.47 1.71
C LEU A 422 -15.29 -23.30 2.01
N THR A 423 -14.55 -22.67 1.09
CA THR A 423 -13.13 -22.41 1.28
C THR A 423 -12.84 -20.98 1.78
N MET A 424 -13.86 -20.16 1.98
CA MET A 424 -13.64 -18.83 2.55
C MET A 424 -14.95 -18.28 3.08
N LEU A 425 -14.87 -17.61 4.23
CA LEU A 425 -15.95 -16.79 4.76
C LEU A 425 -15.40 -15.37 4.89
N PHE A 426 -16.22 -14.37 4.54
CA PHE A 426 -15.73 -12.98 4.52
C PHE A 426 -16.88 -12.06 4.94
N LEU A 427 -16.70 -11.34 6.04
CA LEU A 427 -17.64 -10.34 6.51
C LEU A 427 -16.99 -8.96 6.40
N CYS A 428 -17.72 -8.00 5.84
CA CYS A 428 -17.18 -6.67 5.59
C CYS A 428 -18.26 -5.63 5.91
N ALA A 429 -17.98 -4.75 6.87
CA ALA A 429 -18.85 -3.64 7.22
C ALA A 429 -18.51 -2.44 6.35
N THR A 430 -19.54 -1.79 5.81
CA THR A 430 -19.34 -0.69 4.87
C THR A 430 -20.46 0.34 5.03
N LYS A 431 -20.45 1.34 4.13
CA LYS A 431 -21.45 2.41 4.09
C LYS A 431 -21.54 3.13 5.44
N PHE A 432 -20.43 3.76 5.79
CA PHE A 432 -20.32 4.49 7.04
C PHE A 432 -21.06 5.82 6.96
N SER A 433 -21.71 6.19 8.06
CA SER A 433 -22.34 7.49 8.21
C SER A 433 -22.00 8.01 9.60
N ALA A 434 -22.06 9.33 9.77
CA ALA A 434 -21.61 9.95 11.01
C ALA A 434 -22.41 9.43 12.20
N SER A 435 -21.74 9.37 13.34
CA SER A 435 -22.32 8.90 14.59
C SER A 435 -21.62 9.58 15.75
P A1A0L B 5 -6.71 -15.65 7.14
OP1 A1A0L B 5 -6.62 -15.98 8.64
OP2 A1A0L B 5 -7.59 -16.61 6.33
N1 A1A0L B 5 -5.58 -11.48 4.67
C6 A1A0L B 5 -6.34 -12.35 4.01
C2 A1A0L B 5 -4.93 -10.51 4.05
O2 A1A0L B 5 -4.29 -9.79 4.68
N3 A1A0L B 5 -5.02 -10.38 2.72
C4 A1A0L B 5 -5.76 -11.19 1.97
O4 A1A0L B 5 -5.82 -11.06 0.76
C5 A1A0L B 5 -6.45 -12.21 2.62
C4' A1A0L B 5 -5.03 -13.13 7.75
O4' A1A0L B 5 -4.57 -12.55 6.39
C3' A1A0L B 5 -6.62 -12.97 7.63
O3' A1A0L B 5 -7.12 -14.06 6.80
C2' A1A0L B 5 -6.81 -11.88 7.00
O2' A1A0L B 5 -6.92 -10.80 7.91
C1' A1A0L B 5 -5.42 -11.58 6.09
C1 A1A0L B 5 -5.14 -10.02 0.04
C3 A1A0L B 5 -7.31 -13.21 1.84
C1 GOL D . -5.40 -1.62 2.26
O1 GOL D . -5.48 -0.42 2.93
C2 GOL D . -4.78 -2.61 3.20
O2 GOL D . -4.84 -2.27 4.50
C3 GOL D . -3.38 -2.71 2.67
O3 GOL D . -2.59 -2.47 3.73
C1 GOL E . 10.82 -9.57 -1.08
O1 GOL E . 10.41 -9.26 -2.38
C2 GOL E . 9.59 -9.36 -0.13
O2 GOL E . 8.45 -9.99 -0.57
C3 GOL E . 9.40 -7.89 -0.01
O3 GOL E . 8.34 -7.78 0.88
PG 0KX F . 8.79 -2.48 1.54
O1G 0KX F . 10.03 -1.85 2.14
O2G 0KX F . 7.66 -1.50 1.46
O3G 0KX F . 9.06 -3.10 0.19
PB 0KX F . 6.81 -3.81 3.12
O1B 0KX F . 6.84 -5.08 3.99
O2B 0KX F . 6.31 -2.59 3.90
O3B 0KX F . 8.36 -3.66 2.60
PA 0KX F . 4.42 -3.25 1.45
O1A 0KX F . 4.68 -1.78 1.60
O2A 0KX F . 3.94 -3.58 0.05
N3A 0KX F . 5.89 -4.05 1.69
O5' 0KX F . 3.29 -3.74 2.59
C5' 0KX F . 3.27 -3.15 3.88
C4' 0KX F . 2.93 -4.23 4.89
O4' 0KX F . 1.51 -4.77 4.47
C3' 0KX F . 3.73 -5.30 4.80
O3' 0KX F . 4.82 -5.22 5.74
C2' 0KX F . 2.80 -6.59 5.18
C1' 0KX F . 1.54 -6.27 4.73
N1 0KX F . 1.24 -6.91 3.46
C2 0KX F . 0.59 -8.24 3.50
N3 0KX F . 0.26 -8.92 2.22
C4 0KX F . 0.57 -8.36 0.95
C5 0KX F . 1.22 -7.01 0.88
C6 0KX F . 1.55 -6.30 2.16
O2 0KX F . 0.35 -8.73 4.54
N4 0KX F . 0.21 -9.09 -0.23
MG MG G . 3.35 -0.36 1.08
MG MG H . 6.22 -0.78 2.73
C1 GOL I . -2.88 -7.08 0.75
O1 GOL I . -3.18 -5.70 0.70
C2 GOL I . -2.93 -7.45 2.23
O2 GOL I . -2.79 -8.77 2.42
C3 GOL I . -4.28 -6.94 2.75
O3 GOL I . -4.27 -5.57 2.57
#